data_3AE0
#
_entry.id   3AE0
#
_cell.length_a   80.118
_cell.length_b   80.118
_cell.length_c   183.617
_cell.angle_alpha   90.00
_cell.angle_beta   90.00
_cell.angle_gamma   120.00
#
_symmetry.space_group_name_H-M   'P 31 2 1'
#
loop_
_entity.id
_entity.type
_entity.pdbx_description
1 polymer 'Dehydrosqualene synthase'
2 non-polymer 'phosphonooxy-[(10E)-3,7,11,15-tetramethylhexadeca-2,6,10,14-tetraenyl]sulfanyl-phosphinic acid'
3 non-polymer 'MAGNESIUM ION'
4 water water
#
_entity_poly.entity_id   1
_entity_poly.type   'polypeptide(L)'
_entity_poly.pdbx_seq_one_letter_code
;AAAAAAMTMMDMNFKYCHKIMKKHSKSFSYAADLLPEDQRKAVWAIYAVCRKIDDSIDVYGDIQFLNQIKEDIQSIEKYP
YEYHHFQSDRRIMMALQHVAQHKNIAFQSFYNLIDTVYKDQHFTMFETDAELFGYCYGVAGTVGEVLTPILSDHETHQTY
DVARRLGESLQLINILRDVGEDFENERIYFSKQRLKQYEVDIAEVYQNGVNNHYIDLWEYYAAIAEKDFRDVMDQIKVFS
IEAQPIIELAARIYIEILDEVRQANYTLHERVFVEKRKKAKLFHEINSKYHRI
;
_entity_poly.pdbx_strand_id   A,B
#
# COMPACT_ATOMS: atom_id res chain seq x y z
N MET A 7 21.96 16.36 -8.90
CA MET A 7 21.12 15.20 -9.37
C MET A 7 20.55 15.48 -10.77
N THR A 8 20.93 14.68 -11.75
CA THR A 8 20.49 14.89 -13.13
C THR A 8 19.02 14.49 -13.36
N MET A 9 18.53 14.76 -14.56
CA MET A 9 17.22 14.30 -15.02
C MET A 9 16.99 12.80 -14.79
N MET A 10 17.90 11.99 -15.29
CA MET A 10 17.75 10.54 -15.18
C MET A 10 17.89 10.07 -13.74
N ASP A 11 18.76 10.71 -12.95
CA ASP A 11 18.87 10.33 -11.53
C ASP A 11 17.52 10.45 -10.85
N MET A 12 16.75 11.48 -11.21
CA MET A 12 15.42 11.72 -10.65
C MET A 12 14.48 10.60 -11.06
N ASN A 13 14.50 10.21 -12.34
CA ASN A 13 13.69 9.06 -12.77
C ASN A 13 13.95 7.79 -11.96
N PHE A 14 15.20 7.45 -11.74
CA PHE A 14 15.50 6.26 -10.93
C PHE A 14 15.18 6.44 -9.45
N LYS A 15 15.29 7.67 -8.96
CA LYS A 15 14.88 7.94 -7.59
C LYS A 15 13.36 7.78 -7.43
N TYR A 16 12.58 8.11 -8.46
CA TYR A 16 11.15 7.84 -8.37
C TYR A 16 10.91 6.33 -8.28
N CYS A 17 11.65 5.55 -9.07
CA CYS A 17 11.46 4.13 -9.10
C CYS A 17 11.82 3.54 -7.74
N HIS A 18 12.86 4.10 -7.14
CA HIS A 18 13.33 3.64 -5.85
C HIS A 18 12.20 3.76 -4.84
N LYS A 19 11.57 4.93 -4.82
CA LYS A 19 10.48 5.26 -3.90
C LYS A 19 9.29 4.32 -4.07
N ILE A 20 8.97 4.00 -5.33
CA ILE A 20 7.90 3.05 -5.58
C ILE A 20 8.20 1.71 -4.92
N MET A 21 9.44 1.25 -5.07
CA MET A 21 9.83 -0.03 -4.50
C MET A 21 9.92 0.06 -2.96
N LYS A 22 10.51 1.15 -2.46
CA LYS A 22 10.48 1.44 -1.03
C LYS A 22 9.04 1.42 -0.47
N LYS A 23 8.09 1.94 -1.25
CA LYS A 23 6.70 1.92 -0.82
C LYS A 23 6.07 0.52 -0.89
N HIS A 24 6.28 -0.22 -1.96
CA HIS A 24 5.45 -1.40 -2.15
C HIS A 24 6.05 -2.73 -1.71
N SER A 25 7.37 -2.77 -1.63
CA SER A 25 8.06 -4.00 -1.33
C SER A 25 8.65 -3.89 0.05
N LYS A 26 7.80 -4.13 1.03
CA LYS A 26 8.25 -4.21 2.41
C LYS A 26 9.36 -5.26 2.48
N SER A 27 9.10 -6.38 1.79
CA SER A 27 10.01 -7.51 1.82
C SER A 27 11.37 -7.32 1.15
N PHE A 28 11.40 -6.68 -0.02
CA PHE A 28 12.56 -6.80 -0.92
C PHE A 28 13.33 -5.52 -1.17
N SER A 29 12.74 -4.39 -0.82
CA SER A 29 13.38 -3.08 -0.93
C SER A 29 14.71 -3.02 -0.19
N TYR A 30 14.70 -3.47 1.05
CA TYR A 30 15.91 -3.61 1.86
C TYR A 30 16.99 -4.42 1.14
N ALA A 31 16.61 -5.55 0.52
CA ALA A 31 17.56 -6.41 -0.21
C ALA A 31 18.18 -5.73 -1.42
N ALA A 32 17.35 -5.12 -2.25
CA ALA A 32 17.77 -4.53 -3.50
C ALA A 32 18.76 -3.40 -3.35
N ASP A 33 18.60 -2.60 -2.30
CA ASP A 33 19.43 -1.43 -2.07
C ASP A 33 20.86 -1.77 -1.60
N LEU A 34 21.07 -3.02 -1.23
CA LEU A 34 22.41 -3.56 -0.95
C LEU A 34 23.24 -3.76 -2.22
N LEU A 35 22.59 -3.83 -3.38
CA LEU A 35 23.26 -4.07 -4.67
C LEU A 35 24.15 -2.88 -5.03
N PRO A 36 25.17 -3.10 -5.88
CA PRO A 36 25.96 -1.97 -6.39
C PRO A 36 25.09 -1.01 -7.21
N GLU A 37 25.47 0.26 -7.24
CA GLU A 37 24.73 1.35 -7.85
C GLU A 37 24.01 1.00 -9.15
N ASP A 38 24.68 0.36 -10.12
CA ASP A 38 24.09 0.13 -11.44
C ASP A 38 23.07 -1.01 -11.52
N GLN A 39 23.33 -2.07 -10.77
CA GLN A 39 22.37 -3.15 -10.63
C GLN A 39 21.15 -2.70 -9.85
N ARG A 40 21.40 -1.98 -8.76
CA ARG A 40 20.37 -1.42 -7.90
C ARG A 40 19.36 -0.59 -8.69
N LYS A 41 19.87 0.34 -9.50
CA LYS A 41 19.06 1.26 -10.28
C LYS A 41 18.23 0.49 -11.27
N ALA A 42 18.81 -0.51 -11.92
CA ALA A 42 18.06 -1.33 -12.88
C ALA A 42 16.91 -2.09 -12.23
N VAL A 43 17.19 -2.75 -11.11
CA VAL A 43 16.17 -3.44 -10.31
C VAL A 43 15.02 -2.51 -9.89
N TRP A 44 15.33 -1.30 -9.42
CA TRP A 44 14.29 -0.31 -9.13
C TRP A 44 13.38 -0.06 -10.33
N ALA A 45 13.95 0.12 -11.52
CA ALA A 45 13.16 0.46 -12.69
C ALA A 45 12.26 -0.70 -13.07
N ILE A 46 12.86 -1.88 -13.15
CA ILE A 46 12.12 -3.12 -13.41
C ILE A 46 11.04 -3.29 -12.36
N TYR A 47 11.36 -3.24 -11.07
CA TYR A 47 10.33 -3.33 -10.05
C TYR A 47 9.21 -2.35 -10.33
N ALA A 48 9.59 -1.11 -10.65
CA ALA A 48 8.56 -0.08 -10.78
C ALA A 48 7.67 -0.38 -11.99
N VAL A 49 8.26 -0.87 -13.07
CA VAL A 49 7.44 -1.26 -14.22
C VAL A 49 6.48 -2.37 -13.80
N CYS A 50 7.02 -3.34 -13.06
CA CYS A 50 6.20 -4.48 -12.65
C CYS A 50 5.11 -4.11 -11.65
N ARG A 51 5.44 -3.26 -10.69
CA ARG A 51 4.45 -2.75 -9.72
C ARG A 51 3.29 -2.01 -10.40
N LYS A 52 3.65 -1.17 -11.36
CA LYS A 52 2.67 -0.40 -12.11
C LYS A 52 1.76 -1.32 -12.90
N ILE A 53 2.30 -2.46 -13.35
CA ILE A 53 1.49 -3.41 -14.13
C ILE A 53 0.47 -4.11 -13.24
N ASP A 54 0.95 -4.67 -12.13
CA ASP A 54 0.11 -5.36 -11.17
C ASP A 54 -0.94 -4.44 -10.54
N ASP A 55 -0.60 -3.16 -10.36
CA ASP A 55 -1.49 -2.20 -9.72
C ASP A 55 -2.50 -1.58 -10.69
N SER A 56 -2.18 -1.59 -11.99
CA SER A 56 -3.02 -0.92 -12.99
C SER A 56 -4.51 -1.22 -12.78
N ILE A 57 -4.86 -2.50 -12.74
CA ILE A 57 -6.26 -2.86 -12.55
C ILE A 57 -6.61 -3.08 -11.07
N ASP A 58 -5.93 -4.02 -10.44
CA ASP A 58 -6.18 -4.40 -9.06
C ASP A 58 -6.27 -3.21 -8.11
N VAL A 59 -5.38 -2.25 -8.27
CA VAL A 59 -5.37 -1.09 -7.39
C VAL A 59 -6.00 0.11 -8.05
N TYR A 60 -5.52 0.52 -9.23
CA TYR A 60 -6.07 1.72 -9.85
C TYR A 60 -7.38 1.40 -10.58
N GLY A 61 -7.68 0.11 -10.77
CA GLY A 61 -8.86 -0.29 -11.55
C GLY A 61 -8.87 0.27 -12.96
N ASP A 62 -7.70 0.39 -13.57
CA ASP A 62 -7.54 1.11 -14.84
C ASP A 62 -6.97 0.18 -15.89
N ILE A 63 -7.84 -0.30 -16.79
CA ILE A 63 -7.43 -1.18 -17.88
C ILE A 63 -6.68 -0.47 -19.01
N GLN A 64 -7.13 0.72 -19.40
CA GLN A 64 -6.39 1.49 -20.40
C GLN A 64 -4.95 1.83 -20.02
N PHE A 65 -4.73 2.10 -18.74
CA PHE A 65 -3.39 2.41 -18.24
C PHE A 65 -2.49 1.18 -18.47
N LEU A 66 -3.09 -0.01 -18.40
CA LEU A 66 -2.35 -1.25 -18.69
C LEU A 66 -1.99 -1.38 -20.18
N ASN A 67 -2.90 -1.06 -21.10
CA ASN A 67 -2.54 -1.08 -22.51
C ASN A 67 -1.48 -0.03 -22.80
N GLN A 68 -1.56 1.07 -22.04
CA GLN A 68 -0.63 2.18 -22.19
C GLN A 68 0.76 1.76 -21.77
N ILE A 69 0.84 0.99 -20.68
CA ILE A 69 2.09 0.41 -20.22
C ILE A 69 2.65 -0.54 -21.28
N LYS A 70 1.80 -1.39 -21.86
CA LYS A 70 2.25 -2.29 -22.93
C LYS A 70 2.81 -1.48 -24.08
N GLU A 71 2.10 -0.42 -24.46
CA GLU A 71 2.47 0.34 -25.65
C GLU A 71 3.81 1.04 -25.48
N ASP A 72 4.04 1.58 -24.28
CA ASP A 72 5.31 2.19 -23.89
C ASP A 72 6.45 1.20 -23.98
N ILE A 73 6.25 -0.02 -23.50
CA ILE A 73 7.29 -1.05 -23.53
C ILE A 73 7.58 -1.41 -24.99
N GLN A 74 6.53 -1.57 -25.77
CA GLN A 74 6.67 -1.89 -27.19
C GLN A 74 7.47 -0.83 -27.95
N SER A 75 7.20 0.45 -27.66
CA SER A 75 7.99 1.54 -28.22
C SER A 75 9.50 1.41 -27.91
N ILE A 76 9.81 1.13 -26.64
CA ILE A 76 11.19 0.96 -26.19
C ILE A 76 11.84 -0.22 -26.93
N GLU A 77 11.09 -1.30 -27.15
CA GLU A 77 11.64 -2.49 -27.80
C GLU A 77 12.02 -2.23 -29.26
N LYS A 78 11.09 -1.57 -29.97
CA LYS A 78 11.28 -1.28 -31.38
C LYS A 78 12.29 -0.15 -31.61
N TYR A 79 12.19 0.93 -30.84
CA TYR A 79 13.04 2.13 -30.99
C TYR A 79 13.75 2.55 -29.69
N PRO A 80 14.72 1.74 -29.22
CA PRO A 80 15.40 2.02 -27.96
C PRO A 80 16.11 3.38 -27.84
N TYR A 81 16.33 4.07 -28.95
CA TYR A 81 17.13 5.31 -28.93
C TYR A 81 16.36 6.58 -29.27
N GLU A 82 15.09 6.45 -29.64
CA GLU A 82 14.26 7.61 -29.97
C GLU A 82 13.67 8.24 -28.71
N TYR A 83 13.27 9.49 -28.83
CA TYR A 83 12.45 10.10 -27.80
C TYR A 83 11.02 9.62 -27.96
N HIS A 84 10.45 9.07 -26.89
CA HIS A 84 9.06 8.68 -26.88
C HIS A 84 8.20 9.55 -25.98
N HIS A 85 7.00 9.87 -26.46
CA HIS A 85 5.97 10.44 -25.59
C HIS A 85 5.19 9.34 -24.86
N PHE A 86 5.86 8.78 -23.86
CA PHE A 86 5.29 7.72 -23.04
C PHE A 86 3.90 8.01 -22.49
N GLN A 87 2.98 7.07 -22.66
CA GLN A 87 1.60 7.31 -22.28
C GLN A 87 1.33 6.92 -20.82
N SER A 88 2.14 6.05 -20.23
CA SER A 88 1.78 5.64 -18.88
C SER A 88 2.41 6.45 -17.74
N ASP A 89 3.60 6.08 -17.27
CA ASP A 89 4.33 6.85 -16.27
C ASP A 89 5.67 7.19 -16.89
N ARG A 90 5.90 8.45 -17.19
CA ARG A 90 7.05 8.91 -17.96
C ARG A 90 8.38 8.59 -17.28
N ARG A 91 8.43 8.81 -15.97
CA ARG A 91 9.66 8.62 -15.18
C ARG A 91 10.12 7.18 -15.14
N ILE A 92 9.18 6.26 -15.00
CA ILE A 92 9.48 4.84 -15.02
C ILE A 92 9.92 4.40 -16.41
N MET A 93 9.17 4.81 -17.42
CA MET A 93 9.41 4.32 -18.75
C MET A 93 10.77 4.83 -19.23
N MET A 94 11.13 6.05 -18.89
CA MET A 94 12.45 6.62 -19.20
C MET A 94 13.57 5.86 -18.51
N ALA A 95 13.37 5.54 -17.23
CA ALA A 95 14.32 4.69 -16.53
C ALA A 95 14.41 3.37 -17.28
N LEU A 96 13.26 2.74 -17.59
CA LEU A 96 13.31 1.42 -18.20
C LEU A 96 14.05 1.53 -19.53
N GLN A 97 13.80 2.59 -20.29
CA GLN A 97 14.52 2.80 -21.53
C GLN A 97 16.03 2.92 -21.28
N HIS A 98 16.42 3.65 -20.24
CA HIS A 98 17.83 3.75 -19.91
C HIS A 98 18.43 2.38 -19.65
N VAL A 99 17.76 1.55 -18.87
CA VAL A 99 18.24 0.21 -18.63
C VAL A 99 18.42 -0.53 -19.96
N ALA A 100 17.41 -0.43 -20.82
CA ALA A 100 17.41 -1.23 -22.04
C ALA A 100 18.52 -0.84 -23.00
N GLN A 101 19.07 0.35 -22.85
CA GLN A 101 20.22 0.76 -23.67
C GLN A 101 21.53 0.13 -23.22
N HIS A 102 21.55 -0.44 -22.03
CA HIS A 102 22.80 -0.94 -21.43
C HIS A 102 22.77 -2.43 -21.18
N LYS A 103 21.58 -2.99 -21.01
CA LYS A 103 21.39 -4.41 -20.77
C LYS A 103 20.34 -4.86 -21.77
N ASN A 104 20.32 -6.13 -22.13
CA ASN A 104 19.29 -6.52 -23.07
C ASN A 104 18.14 -7.16 -22.29
N ILE A 105 16.92 -6.68 -22.57
CA ILE A 105 15.77 -7.02 -21.76
C ILE A 105 14.86 -7.96 -22.52
N ALA A 106 14.36 -8.98 -21.84
CA ALA A 106 13.42 -9.92 -22.42
C ALA A 106 12.04 -9.31 -22.33
N PHE A 107 11.74 -8.47 -23.31
CA PHE A 107 10.45 -7.83 -23.41
C PHE A 107 9.28 -8.81 -23.37
N GLN A 108 9.48 -10.01 -23.92
CA GLN A 108 8.39 -10.97 -24.02
C GLN A 108 7.97 -11.33 -22.61
N SER A 109 8.91 -11.18 -21.68
CA SER A 109 8.61 -11.50 -20.30
C SER A 109 7.71 -10.43 -19.71
N PHE A 110 7.90 -9.16 -20.11
CA PHE A 110 6.99 -8.11 -19.69
C PHE A 110 5.64 -8.42 -20.32
N TYR A 111 5.60 -8.80 -21.59
CA TYR A 111 4.30 -9.10 -22.22
C TYR A 111 3.57 -10.29 -21.59
N ASN A 112 4.29 -11.33 -21.17
CA ASN A 112 3.67 -12.47 -20.50
C ASN A 112 3.02 -12.03 -19.18
N LEU A 113 3.69 -11.14 -18.47
CA LEU A 113 3.23 -10.62 -17.20
C LEU A 113 1.98 -9.79 -17.44
N ILE A 114 1.99 -9.04 -18.54
CA ILE A 114 0.84 -8.20 -18.82
C ILE A 114 -0.38 -9.06 -19.15
N ASP A 115 -0.18 -10.10 -19.92
CA ASP A 115 -1.26 -10.99 -20.30
C ASP A 115 -1.84 -11.70 -19.08
N THR A 116 -0.95 -12.09 -18.18
CA THR A 116 -1.37 -12.80 -16.97
C THR A 116 -2.16 -11.83 -16.09
N VAL A 117 -1.65 -10.62 -15.97
CA VAL A 117 -2.34 -9.63 -15.16
C VAL A 117 -3.71 -9.33 -15.77
N TYR A 118 -3.79 -9.14 -17.09
CA TYR A 118 -5.09 -8.99 -17.72
C TYR A 118 -6.06 -10.14 -17.38
N LYS A 119 -5.64 -11.37 -17.62
CA LYS A 119 -6.47 -12.54 -17.39
C LYS A 119 -6.84 -12.64 -15.92
N ASP A 120 -6.05 -12.03 -15.04
CA ASP A 120 -6.30 -12.16 -13.61
C ASP A 120 -7.41 -11.24 -13.12
N GLN A 121 -8.32 -10.93 -14.04
CA GLN A 121 -9.54 -10.21 -13.79
C GLN A 121 -10.71 -11.19 -13.91
N HIS A 122 -10.86 -11.77 -15.11
CA HIS A 122 -11.78 -12.90 -15.32
C HIS A 122 -11.23 -14.15 -14.61
N PHE A 123 -10.81 -13.93 -13.37
CA PHE A 123 -10.23 -14.95 -12.50
C PHE A 123 -11.11 -16.17 -12.38
N THR A 124 -10.49 -17.31 -12.64
CA THR A 124 -11.10 -18.62 -12.52
C THR A 124 -10.15 -19.52 -11.74
N MET A 125 -10.67 -20.14 -10.68
CA MET A 125 -9.89 -21.05 -9.86
C MET A 125 -9.21 -22.07 -10.75
N PHE A 126 -7.95 -22.35 -10.40
CA PHE A 126 -7.18 -23.40 -11.04
C PHE A 126 -7.79 -24.74 -10.66
N GLU A 127 -8.02 -25.56 -11.69
CA GLU A 127 -8.51 -26.92 -11.52
C GLU A 127 -7.37 -27.82 -11.06
N THR A 128 -6.18 -27.58 -11.60
CA THR A 128 -5.03 -28.45 -11.38
C THR A 128 -3.85 -27.64 -10.84
N ASP A 129 -2.89 -28.27 -10.16
CA ASP A 129 -1.70 -27.55 -9.70
C ASP A 129 -0.93 -26.98 -10.90
N ALA A 130 -0.99 -27.70 -12.03
CA ALA A 130 -0.25 -27.30 -13.21
C ALA A 130 -0.75 -25.95 -13.67
N GLU A 131 -2.03 -25.68 -13.45
CA GLU A 131 -2.52 -24.34 -13.76
C GLU A 131 -1.99 -23.32 -12.75
N LEU A 132 -1.89 -23.71 -11.48
CA LEU A 132 -1.37 -22.84 -10.44
C LEU A 132 0.10 -22.51 -10.72
N PHE A 133 0.90 -23.50 -11.08
CA PHE A 133 2.29 -23.23 -11.41
C PHE A 133 2.43 -22.36 -12.66
N GLY A 134 1.57 -22.58 -13.66
CA GLY A 134 1.52 -21.75 -14.84
C GLY A 134 1.25 -20.30 -14.50
N TYR A 135 0.42 -20.06 -13.50
CA TYR A 135 0.21 -18.70 -13.05
C TYR A 135 1.44 -18.19 -12.29
N CYS A 136 2.15 -19.06 -11.57
CA CYS A 136 3.39 -18.62 -10.91
C CYS A 136 4.43 -18.21 -11.94
N TYR A 137 4.49 -18.91 -13.06
CA TYR A 137 5.37 -18.43 -14.12
C TYR A 137 4.91 -17.07 -14.62
N GLY A 138 3.64 -16.97 -14.97
CA GLY A 138 3.08 -15.76 -15.56
C GLY A 138 3.40 -14.52 -14.77
N VAL A 139 3.26 -14.62 -13.45
CA VAL A 139 3.31 -13.43 -12.60
C VAL A 139 4.67 -13.23 -11.93
N ALA A 140 5.52 -14.25 -11.90
CA ALA A 140 6.79 -14.12 -11.18
C ALA A 140 7.99 -14.71 -11.90
N GLY A 141 7.77 -15.83 -12.58
CA GLY A 141 8.82 -16.48 -13.35
C GLY A 141 9.37 -15.51 -14.36
N THR A 142 8.48 -14.78 -15.03
CA THR A 142 8.82 -13.77 -16.02
C THR A 142 9.56 -12.58 -15.43
N VAL A 143 9.26 -12.20 -14.20
CA VAL A 143 10.06 -11.17 -13.55
C VAL A 143 11.47 -11.70 -13.35
N GLY A 144 11.56 -12.95 -12.91
CA GLY A 144 12.86 -13.60 -12.79
C GLY A 144 13.67 -13.51 -14.08
N GLU A 145 13.01 -13.74 -15.19
CA GLU A 145 13.67 -13.79 -16.50
C GLU A 145 14.09 -12.39 -16.88
N VAL A 146 13.25 -11.43 -16.55
CA VAL A 146 13.53 -10.05 -16.92
C VAL A 146 14.72 -9.57 -16.11
N LEU A 147 14.80 -9.98 -14.85
CA LEU A 147 15.90 -9.58 -14.00
C LEU A 147 17.24 -10.26 -14.29
N THR A 148 17.26 -11.31 -15.10
CA THR A 148 18.48 -12.09 -15.31
C THR A 148 19.71 -11.31 -15.79
N PRO A 149 19.61 -10.49 -16.86
CA PRO A 149 20.79 -9.81 -17.37
C PRO A 149 21.32 -8.79 -16.38
N ILE A 150 20.53 -8.37 -15.40
CA ILE A 150 20.99 -7.36 -14.48
C ILE A 150 21.76 -8.06 -13.39
N LEU A 151 21.38 -9.29 -13.06
CA LEU A 151 21.98 -9.97 -11.91
C LEU A 151 23.08 -10.95 -12.29
N SER A 152 23.35 -11.11 -13.58
CA SER A 152 24.37 -12.03 -14.01
C SER A 152 25.05 -11.55 -15.29
N ASP A 153 26.33 -11.86 -15.43
CA ASP A 153 27.09 -11.68 -16.67
C ASP A 153 26.93 -12.84 -17.65
N HIS A 154 26.34 -13.94 -17.18
CA HIS A 154 26.11 -15.12 -18.00
C HIS A 154 24.63 -15.28 -18.31
N GLU A 155 24.23 -14.77 -19.46
CA GLU A 155 22.83 -14.90 -19.87
C GLU A 155 22.73 -16.16 -20.70
N THR A 156 22.75 -17.29 -20.00
CA THR A 156 22.60 -18.61 -20.58
C THR A 156 21.34 -19.23 -20.00
N HIS A 157 20.97 -20.37 -20.57
CA HIS A 157 19.80 -21.12 -20.11
C HIS A 157 19.84 -21.41 -18.62
N GLN A 158 20.97 -21.87 -18.08
CA GLN A 158 21.01 -22.20 -16.66
C GLN A 158 20.56 -20.99 -15.86
N THR A 159 21.00 -19.79 -16.26
CA THR A 159 20.77 -18.58 -15.47
C THR A 159 19.30 -18.18 -15.54
N TYR A 160 18.75 -18.07 -16.74
CA TYR A 160 17.30 -17.85 -16.90
C TYR A 160 16.50 -18.88 -16.11
N ASP A 161 16.91 -20.14 -16.20
CA ASP A 161 16.21 -21.22 -15.52
C ASP A 161 16.18 -21.05 -14.01
N VAL A 162 17.31 -20.75 -13.38
CA VAL A 162 17.35 -20.61 -11.94
C VAL A 162 16.52 -19.39 -11.52
N ALA A 163 16.59 -18.32 -12.29
CA ALA A 163 15.89 -17.07 -11.99
C ALA A 163 14.38 -17.26 -12.08
N ARG A 164 13.95 -17.99 -13.11
CA ARG A 164 12.56 -18.32 -13.35
C ARG A 164 12.06 -19.17 -12.20
N ARG A 165 12.77 -20.24 -11.84
CA ARG A 165 12.40 -21.08 -10.70
C ARG A 165 12.43 -20.35 -9.37
N LEU A 166 13.34 -19.42 -9.19
CA LEU A 166 13.36 -18.69 -7.93
C LEU A 166 12.09 -17.86 -7.81
N GLY A 167 11.86 -16.99 -8.80
CA GLY A 167 10.61 -16.24 -8.91
C GLY A 167 9.36 -17.06 -8.68
N GLU A 168 9.27 -18.21 -9.35
CA GLU A 168 8.12 -19.07 -9.18
C GLU A 168 8.00 -19.57 -7.74
N SER A 169 9.12 -19.91 -7.11
CA SER A 169 9.00 -20.34 -5.72
C SER A 169 8.65 -19.21 -4.73
N LEU A 170 9.06 -17.98 -5.00
CA LEU A 170 8.68 -16.87 -4.13
C LEU A 170 7.18 -16.60 -4.22
N GLN A 171 6.61 -16.73 -5.42
CA GLN A 171 5.18 -16.53 -5.61
C GLN A 171 4.38 -17.57 -4.81
N LEU A 172 4.89 -18.79 -4.77
CA LEU A 172 4.23 -19.82 -3.98
C LEU A 172 4.24 -19.50 -2.48
N ILE A 173 5.35 -18.97 -1.97
CA ILE A 173 5.42 -18.56 -0.57
C ILE A 173 4.49 -17.37 -0.37
N ASN A 174 4.50 -16.46 -1.34
CA ASN A 174 3.56 -15.35 -1.35
C ASN A 174 2.14 -15.84 -1.19
N ILE A 175 1.72 -16.73 -2.09
CA ILE A 175 0.41 -17.35 -1.97
C ILE A 175 0.22 -17.93 -0.57
N LEU A 176 1.26 -18.58 -0.02
CA LEU A 176 1.17 -19.24 1.28
C LEU A 176 1.04 -18.25 2.45
N ARG A 177 1.43 -17.01 2.20
CA ARG A 177 1.37 -15.95 3.21
C ARG A 177 0.00 -15.27 3.17
N ASP A 178 -0.58 -15.24 1.97
CA ASP A 178 -1.72 -14.37 1.70
C ASP A 178 -3.08 -15.08 1.62
N VAL A 179 -3.15 -16.36 1.98
CA VAL A 179 -4.38 -17.16 1.84
C VAL A 179 -5.65 -16.41 2.21
N GLY A 180 -5.63 -15.80 3.40
CA GLY A 180 -6.78 -15.17 4.01
C GLY A 180 -7.12 -13.84 3.37
N GLU A 181 -6.08 -13.06 3.11
CA GLU A 181 -6.19 -11.78 2.43
C GLU A 181 -6.69 -11.95 0.99
N ASP A 182 -6.20 -12.97 0.29
CA ASP A 182 -6.68 -13.28 -1.04
C ASP A 182 -8.14 -13.74 -1.01
N PHE A 183 -8.52 -14.50 0.02
CA PHE A 183 -9.92 -14.90 0.14
C PHE A 183 -10.81 -13.67 0.37
N GLU A 184 -10.34 -12.71 1.17
CA GLU A 184 -11.07 -11.46 1.36
C GLU A 184 -11.32 -10.71 0.04
N ASN A 185 -10.40 -10.86 -0.91
CA ASN A 185 -10.55 -10.21 -2.22
C ASN A 185 -11.03 -11.22 -3.25
N GLU A 186 -11.59 -12.30 -2.74
CA GLU A 186 -12.31 -13.33 -3.49
C GLU A 186 -11.45 -14.22 -4.37
N ARG A 187 -10.25 -14.51 -3.88
CA ARG A 187 -9.31 -15.35 -4.61
C ARG A 187 -8.86 -16.52 -3.77
N ILE A 188 -8.88 -17.68 -4.40
CA ILE A 188 -8.24 -18.84 -3.81
C ILE A 188 -7.24 -19.27 -4.87
N TYR A 189 -5.98 -19.36 -4.48
CA TYR A 189 -4.91 -19.79 -5.39
C TYR A 189 -4.61 -21.27 -5.24
N PHE A 190 -4.99 -21.88 -4.13
CA PHE A 190 -4.85 -23.32 -4.02
C PHE A 190 -5.71 -23.96 -5.11
N SER A 191 -5.31 -25.17 -5.51
CA SER A 191 -5.90 -25.90 -6.63
C SER A 191 -7.24 -26.55 -6.30
N LYS A 192 -8.21 -26.48 -7.21
CA LYS A 192 -9.48 -27.21 -7.02
C LYS A 192 -9.28 -28.69 -6.74
N GLN A 193 -8.38 -29.31 -7.50
CA GLN A 193 -7.99 -30.71 -7.31
C GLN A 193 -7.46 -30.97 -5.91
N ARG A 194 -6.49 -30.16 -5.49
CA ARG A 194 -5.73 -30.34 -4.26
C ARG A 194 -6.59 -30.01 -3.04
N LEU A 195 -7.55 -29.11 -3.22
CA LEU A 195 -8.52 -28.72 -2.22
C LEU A 195 -9.59 -29.81 -2.04
N LYS A 196 -10.07 -30.38 -3.16
CA LYS A 196 -10.95 -31.54 -3.12
C LYS A 196 -10.26 -32.77 -2.51
N GLN A 197 -8.95 -32.90 -2.73
CA GLN A 197 -8.17 -34.00 -2.15
C GLN A 197 -8.00 -33.90 -0.63
N TYR A 198 -7.73 -32.71 -0.13
CA TYR A 198 -7.36 -32.52 1.28
C TYR A 198 -8.54 -32.22 2.20
N GLU A 199 -9.76 -32.30 1.66
CA GLU A 199 -10.99 -32.04 2.41
C GLU A 199 -11.05 -30.59 2.93
N VAL A 200 -10.64 -29.65 2.09
CA VAL A 200 -10.54 -28.25 2.50
C VAL A 200 -11.46 -27.34 1.68
N ASP A 201 -12.21 -26.49 2.38
CA ASP A 201 -12.90 -25.37 1.77
C ASP A 201 -12.41 -24.10 2.47
N ILE A 202 -11.83 -23.18 1.70
CA ILE A 202 -11.21 -22.00 2.31
C ILE A 202 -12.23 -21.08 2.98
N ALA A 203 -13.42 -20.97 2.39
CA ALA A 203 -14.46 -20.13 2.96
C ALA A 203 -14.76 -20.57 4.39
N GLU A 204 -14.65 -21.87 4.64
CA GLU A 204 -14.96 -22.49 5.93
C GLU A 204 -13.90 -22.29 7.01
N VAL A 205 -12.62 -22.49 6.69
CA VAL A 205 -11.56 -22.25 7.68
C VAL A 205 -11.35 -20.75 7.95
N TYR A 206 -11.65 -19.92 6.97
CA TYR A 206 -11.77 -18.48 7.20
C TYR A 206 -12.75 -18.20 8.33
N GLN A 207 -13.95 -18.77 8.23
CA GLN A 207 -15.01 -18.47 9.17
C GLN A 207 -14.79 -19.15 10.53
N ASN A 208 -14.25 -20.36 10.53
CA ASN A 208 -14.15 -21.17 11.75
C ASN A 208 -12.78 -21.40 12.41
N GLY A 209 -11.69 -21.12 11.70
CA GLY A 209 -10.35 -21.30 12.25
C GLY A 209 -9.59 -22.46 11.63
N VAL A 210 -8.28 -22.42 11.76
CA VAL A 210 -7.39 -23.40 11.14
C VAL A 210 -7.66 -24.83 11.63
N ASN A 211 -8.04 -25.73 10.74
CA ASN A 211 -8.11 -27.15 11.13
C ASN A 211 -6.90 -27.94 10.63
N ASN A 212 -6.79 -29.19 11.07
CA ASN A 212 -5.69 -30.06 10.69
C ASN A 212 -5.64 -30.41 9.20
N HIS A 213 -6.80 -30.43 8.55
CA HIS A 213 -6.82 -30.65 7.10
C HIS A 213 -6.12 -29.49 6.41
N TYR A 214 -6.53 -28.28 6.77
CA TYR A 214 -5.91 -27.08 6.25
C TYR A 214 -4.38 -27.09 6.40
N ILE A 215 -3.87 -27.40 7.59
CA ILE A 215 -2.42 -27.43 7.83
C ILE A 215 -1.75 -28.43 6.88
N ASP A 216 -2.19 -29.68 6.90
CA ASP A 216 -1.70 -30.64 5.92
C ASP A 216 -1.55 -30.02 4.53
N LEU A 217 -2.61 -29.37 4.04
CA LEU A 217 -2.62 -28.82 2.70
C LEU A 217 -1.65 -27.67 2.56
N TRP A 218 -1.70 -26.74 3.51
CA TRP A 218 -0.79 -25.62 3.46
C TRP A 218 0.64 -26.19 3.39
N GLU A 219 0.92 -27.13 4.26
CA GLU A 219 2.23 -27.77 4.38
C GLU A 219 2.65 -28.57 3.16
N TYR A 220 1.70 -29.21 2.50
CA TYR A 220 1.95 -29.81 1.18
C TYR A 220 2.63 -28.81 0.25
N TYR A 221 2.08 -27.60 0.16
CA TYR A 221 2.62 -26.59 -0.75
C TYR A 221 3.92 -25.94 -0.27
N ALA A 222 4.04 -25.72 1.04
CA ALA A 222 5.27 -25.15 1.56
C ALA A 222 6.46 -26.07 1.31
N ALA A 223 6.23 -27.37 1.34
CA ALA A 223 7.27 -28.33 0.98
C ALA A 223 7.66 -28.21 -0.48
N ILE A 224 6.72 -27.93 -1.38
CA ILE A 224 7.07 -27.72 -2.78
C ILE A 224 7.98 -26.51 -2.85
N ALA A 225 7.61 -25.44 -2.15
CA ALA A 225 8.37 -24.21 -2.26
C ALA A 225 9.73 -24.29 -1.56
N GLU A 226 9.79 -24.99 -0.43
CA GLU A 226 11.07 -25.16 0.27
C GLU A 226 12.07 -26.03 -0.53
N LYS A 227 11.60 -27.11 -1.15
CA LYS A 227 12.42 -27.93 -2.05
C LYS A 227 12.95 -27.18 -3.27
N ASP A 228 12.11 -26.38 -3.91
CA ASP A 228 12.54 -25.56 -5.03
C ASP A 228 13.48 -24.45 -4.60
N PHE A 229 13.27 -23.89 -3.42
CA PHE A 229 14.21 -22.90 -2.89
C PHE A 229 15.61 -23.52 -2.76
N ARG A 230 15.69 -24.70 -2.12
CA ARG A 230 16.97 -25.40 -1.92
C ARG A 230 17.73 -25.71 -3.21
N ASP A 231 17.01 -26.16 -4.24
CA ASP A 231 17.56 -26.38 -5.57
C ASP A 231 18.03 -25.09 -6.24
N VAL A 232 17.34 -23.98 -6.00
CA VAL A 232 17.80 -22.70 -6.51
C VAL A 232 19.12 -22.37 -5.82
N MET A 233 19.15 -22.54 -4.50
CA MET A 233 20.30 -22.14 -3.71
C MET A 233 21.56 -22.82 -4.19
N ASP A 234 21.50 -24.13 -4.45
CA ASP A 234 22.64 -24.86 -5.01
C ASP A 234 23.21 -24.29 -6.31
N GLN A 235 22.37 -23.58 -7.06
CA GLN A 235 22.79 -23.07 -8.37
C GLN A 235 22.97 -21.56 -8.34
N ILE A 236 23.22 -21.02 -7.15
CA ILE A 236 23.29 -19.58 -6.98
C ILE A 236 24.55 -18.96 -7.56
N LYS A 237 25.60 -19.77 -7.72
CA LYS A 237 26.85 -19.27 -8.31
C LYS A 237 26.62 -18.86 -9.76
N VAL A 238 25.43 -19.13 -10.28
CA VAL A 238 25.09 -18.68 -11.62
C VAL A 238 24.91 -17.15 -11.72
N PHE A 239 24.70 -16.51 -10.58
CA PHE A 239 24.58 -15.06 -10.57
C PHE A 239 25.94 -14.40 -10.35
N SER A 240 26.02 -13.08 -10.55
CA SER A 240 27.29 -12.37 -10.36
C SER A 240 27.63 -12.38 -8.87
N ILE A 241 28.90 -12.13 -8.58
CA ILE A 241 29.42 -12.33 -7.23
C ILE A 241 28.79 -11.34 -6.27
N GLU A 242 28.64 -10.10 -6.69
CA GLU A 242 28.00 -9.08 -5.86
C GLU A 242 26.50 -9.31 -5.66
N ALA A 243 25.81 -9.94 -6.61
CA ALA A 243 24.38 -10.22 -6.49
C ALA A 243 24.04 -11.43 -5.60
N GLN A 244 24.91 -12.45 -5.64
CA GLN A 244 24.68 -13.69 -4.90
C GLN A 244 24.23 -13.49 -3.45
N PRO A 245 25.00 -12.77 -2.60
CA PRO A 245 24.53 -12.64 -1.22
C PRO A 245 23.15 -12.00 -1.09
N ILE A 246 22.86 -11.00 -1.93
CA ILE A 246 21.56 -10.34 -1.94
C ILE A 246 20.44 -11.28 -2.35
N ILE A 247 20.62 -11.98 -3.48
CA ILE A 247 19.62 -12.91 -3.97
C ILE A 247 19.30 -13.89 -2.86
N GLU A 248 20.35 -14.44 -2.26
CA GLU A 248 20.23 -15.33 -1.10
C GLU A 248 19.48 -14.68 0.07
N LEU A 249 19.77 -13.41 0.36
CA LEU A 249 18.99 -12.65 1.33
C LEU A 249 17.50 -12.61 0.98
N ALA A 250 17.16 -12.07 -0.19
CA ALA A 250 15.78 -11.95 -0.62
C ALA A 250 15.06 -13.29 -0.52
N ALA A 251 15.76 -14.37 -0.84
CA ALA A 251 15.14 -15.69 -0.78
C ALA A 251 15.01 -16.17 0.66
N ARG A 252 16.01 -15.91 1.51
CA ARG A 252 15.92 -16.37 2.89
C ARG A 252 14.90 -15.59 3.70
N ILE A 253 14.65 -14.35 3.28
CA ILE A 253 13.60 -13.56 3.88
C ILE A 253 12.25 -14.24 3.65
N TYR A 254 12.01 -14.65 2.41
CA TYR A 254 10.75 -15.31 2.11
C TYR A 254 10.63 -16.67 2.77
N ILE A 255 11.71 -17.44 2.81
CA ILE A 255 11.73 -18.70 3.58
C ILE A 255 11.39 -18.42 5.04
N GLU A 256 11.77 -17.25 5.53
CA GLU A 256 11.43 -16.84 6.90
C GLU A 256 9.95 -16.55 7.08
N ILE A 257 9.31 -16.08 6.01
CA ILE A 257 7.87 -15.85 6.02
C ILE A 257 7.12 -17.12 6.41
N LEU A 258 7.57 -18.26 5.90
CA LEU A 258 6.90 -19.53 6.10
C LEU A 258 6.92 -19.90 7.59
N ASP A 259 8.07 -19.59 8.20
CA ASP A 259 8.26 -19.86 9.61
C ASP A 259 7.41 -18.92 10.45
N GLU A 260 7.14 -17.72 9.93
CA GLU A 260 6.22 -16.79 10.59
C GLU A 260 4.77 -17.27 10.53
N VAL A 261 4.37 -17.84 9.40
CA VAL A 261 3.01 -18.35 9.24
C VAL A 261 2.83 -19.49 10.24
N ARG A 262 3.78 -20.41 10.21
CA ARG A 262 3.90 -21.49 11.19
C ARG A 262 3.86 -21.04 12.65
N GLN A 263 4.53 -19.93 12.97
CA GLN A 263 4.52 -19.41 14.33
C GLN A 263 3.17 -18.79 14.71
N ALA A 264 2.50 -18.18 13.74
CA ALA A 264 1.18 -17.60 13.95
C ALA A 264 0.02 -18.60 13.77
N ASN A 265 0.36 -19.90 13.82
CA ASN A 265 -0.61 -20.99 13.69
C ASN A 265 -1.49 -20.86 12.44
N TYR A 266 -0.85 -20.41 11.37
CA TYR A 266 -1.40 -20.39 10.02
C TYR A 266 -2.53 -19.40 9.84
N THR A 267 -2.57 -18.39 10.70
CA THR A 267 -3.68 -17.44 10.68
C THR A 267 -4.06 -16.97 9.28
N LEU A 268 -5.36 -16.83 9.06
CA LEU A 268 -5.91 -16.31 7.83
C LEU A 268 -6.36 -14.86 8.02
N HIS A 269 -6.21 -14.34 9.23
CA HIS A 269 -6.72 -13.00 9.56
C HIS A 269 -5.69 -11.91 9.81
N GLU A 270 -4.47 -12.12 9.35
CA GLU A 270 -3.38 -11.20 9.64
C GLU A 270 -2.26 -11.50 8.65
N ARG A 271 -1.57 -10.48 8.16
CA ARG A 271 -0.50 -10.63 7.19
C ARG A 271 0.84 -10.65 7.90
N VAL A 272 1.47 -11.81 8.06
CA VAL A 272 2.77 -11.84 8.74
C VAL A 272 3.86 -11.13 7.92
N PHE A 273 4.98 -10.82 8.57
CA PHE A 273 6.09 -10.12 7.93
C PHE A 273 7.39 -10.38 8.70
N VAL A 274 8.51 -10.14 8.02
CA VAL A 274 9.82 -10.18 8.68
C VAL A 274 10.26 -8.76 9.03
N GLU A 275 10.62 -8.55 10.29
CA GLU A 275 11.03 -7.23 10.77
C GLU A 275 12.37 -6.85 10.13
N LYS A 276 12.58 -5.55 9.96
CA LYS A 276 13.83 -5.04 9.39
C LYS A 276 15.07 -5.56 10.11
N ARG A 277 14.99 -5.61 11.44
CA ARG A 277 16.11 -6.04 12.27
C ARG A 277 16.49 -7.52 12.03
N LYS A 278 15.48 -8.36 11.86
CA LYS A 278 15.68 -9.77 11.51
C LYS A 278 16.23 -9.95 10.09
N LYS A 279 15.94 -9.00 9.20
CA LYS A 279 16.53 -8.97 7.87
C LYS A 279 18.05 -8.85 7.93
N ALA A 280 18.53 -7.91 8.74
CA ALA A 280 19.96 -7.67 8.91
C ALA A 280 20.68 -8.85 9.57
N LYS A 281 20.02 -9.52 10.49
CA LYS A 281 20.54 -10.73 11.12
C LYS A 281 20.80 -11.77 10.05
N LEU A 282 19.76 -12.03 9.25
CA LEU A 282 19.88 -12.95 8.13
C LEU A 282 21.05 -12.61 7.22
N PHE A 283 21.12 -11.33 6.82
CA PHE A 283 22.19 -10.87 5.95
C PHE A 283 23.56 -11.03 6.60
N HIS A 284 23.67 -10.67 7.87
CA HIS A 284 24.89 -10.95 8.62
C HIS A 284 25.26 -12.42 8.52
N GLU A 285 24.29 -13.31 8.69
CA GLU A 285 24.57 -14.75 8.62
C GLU A 285 25.05 -15.19 7.24
N ILE A 286 24.36 -14.70 6.21
CA ILE A 286 24.67 -15.00 4.81
C ILE A 286 26.07 -14.52 4.47
N ASN A 287 26.34 -13.26 4.78
CA ASN A 287 27.64 -12.67 4.45
C ASN A 287 28.86 -13.31 5.09
N SER A 288 28.63 -14.09 6.14
CA SER A 288 29.70 -14.86 6.78
C SER A 288 30.28 -15.89 5.80
N LYS A 289 29.41 -16.54 5.04
CA LYS A 289 29.84 -17.49 4.00
C LYS A 289 30.66 -16.76 2.92
N TYR A 290 30.25 -15.54 2.62
CA TYR A 290 30.89 -14.69 1.60
C TYR A 290 31.93 -13.75 2.22
N MET B 7 -26.58 -10.23 -4.52
CA MET B 7 -25.83 -8.94 -4.47
C MET B 7 -26.22 -8.07 -5.66
N THR B 8 -26.81 -6.91 -5.41
CA THR B 8 -27.24 -6.05 -6.51
C THR B 8 -26.10 -5.22 -7.08
N MET B 9 -26.42 -4.42 -8.11
CA MET B 9 -25.47 -3.54 -8.77
C MET B 9 -24.86 -2.53 -7.79
N MET B 10 -25.73 -1.84 -7.07
CA MET B 10 -25.28 -0.82 -6.13
C MET B 10 -24.43 -1.46 -5.02
N ASP B 11 -24.83 -2.65 -4.57
CA ASP B 11 -24.04 -3.43 -3.62
C ASP B 11 -22.60 -3.62 -4.09
N MET B 12 -22.43 -3.95 -5.37
CA MET B 12 -21.11 -4.14 -5.95
C MET B 12 -20.34 -2.83 -5.93
N ASN B 13 -20.96 -1.73 -6.35
CA ASN B 13 -20.32 -0.42 -6.18
C ASN B 13 -19.80 -0.20 -4.76
N PHE B 14 -20.62 -0.46 -3.74
CA PHE B 14 -20.13 -0.32 -2.37
C PHE B 14 -19.05 -1.33 -1.98
N LYS B 15 -19.13 -2.55 -2.51
CA LYS B 15 -18.12 -3.55 -2.18
C LYS B 15 -16.79 -3.15 -2.80
N TYR B 16 -16.83 -2.54 -3.99
CA TYR B 16 -15.61 -2.01 -4.58
C TYR B 16 -15.00 -0.95 -3.67
N CYS B 17 -15.85 -0.08 -3.13
CA CYS B 17 -15.40 0.97 -2.21
C CYS B 17 -14.84 0.39 -0.93
N HIS B 18 -15.51 -0.63 -0.43
CA HIS B 18 -14.99 -1.33 0.73
C HIS B 18 -13.58 -1.79 0.40
N LYS B 19 -13.39 -2.41 -0.76
CA LYS B 19 -12.11 -3.05 -1.09
C LYS B 19 -10.96 -2.04 -1.09
N ILE B 20 -11.20 -0.89 -1.72
CA ILE B 20 -10.28 0.23 -1.76
C ILE B 20 -9.88 0.62 -0.34
N MET B 21 -10.85 0.61 0.57
CA MET B 21 -10.58 1.02 1.96
C MET B 21 -9.79 -0.06 2.69
N LYS B 22 -10.09 -1.34 2.45
CA LYS B 22 -9.31 -2.42 3.01
C LYS B 22 -7.86 -2.37 2.51
N LYS B 23 -7.71 -1.90 1.28
CA LYS B 23 -6.39 -1.87 0.67
C LYS B 23 -5.54 -0.72 1.21
N HIS B 24 -6.13 0.44 1.46
CA HIS B 24 -5.26 1.56 1.73
C HIS B 24 -5.18 1.97 3.19
N SER B 25 -6.15 1.50 3.96
CA SER B 25 -6.26 1.98 5.34
C SER B 25 -5.99 0.86 6.31
N LYS B 26 -4.70 0.59 6.57
CA LYS B 26 -4.31 -0.40 7.56
C LYS B 26 -4.87 -0.01 8.93
N SER B 27 -4.80 1.28 9.28
CA SER B 27 -5.28 1.77 10.57
C SER B 27 -6.78 1.65 10.83
N PHE B 28 -7.60 2.05 9.86
CA PHE B 28 -9.01 2.39 10.11
C PHE B 28 -10.08 1.48 9.52
N SER B 29 -9.67 0.62 8.59
CA SER B 29 -10.57 -0.32 7.94
C SER B 29 -11.28 -1.24 8.94
N TYR B 30 -10.50 -1.72 9.92
CA TYR B 30 -11.00 -2.48 11.06
C TYR B 30 -12.15 -1.75 11.74
N ALA B 31 -11.95 -0.45 11.99
CA ALA B 31 -12.92 0.35 12.73
C ALA B 31 -14.21 0.62 11.96
N ALA B 32 -14.06 1.07 10.71
CA ALA B 32 -15.18 1.33 9.81
C ALA B 32 -16.12 0.13 9.70
N ASP B 33 -15.57 -1.06 9.50
CA ASP B 33 -16.37 -2.28 9.35
C ASP B 33 -17.17 -2.73 10.58
N LEU B 34 -16.90 -2.13 11.73
CA LEU B 34 -17.70 -2.35 12.94
C LEU B 34 -18.96 -1.49 13.05
N LEU B 35 -19.07 -0.45 12.22
CA LEU B 35 -20.29 0.38 12.14
C LEU B 35 -21.50 -0.40 11.62
N PRO B 36 -22.72 0.12 11.87
CA PRO B 36 -23.88 -0.51 11.27
C PRO B 36 -23.90 -0.34 9.75
N GLU B 37 -24.55 -1.29 9.10
CA GLU B 37 -24.67 -1.43 7.66
C GLU B 37 -24.68 -0.11 6.90
N ASP B 38 -25.59 0.79 7.25
CA ASP B 38 -25.78 2.02 6.48
C ASP B 38 -24.67 3.04 6.71
N GLN B 39 -24.18 3.14 7.94
CA GLN B 39 -23.05 4.01 8.22
C GLN B 39 -21.76 3.52 7.58
N ARG B 40 -21.50 2.21 7.68
CA ARG B 40 -20.34 1.56 7.09
C ARG B 40 -20.25 1.88 5.60
N LYS B 41 -21.34 1.66 4.88
CA LYS B 41 -21.38 1.79 3.43
C LYS B 41 -21.06 3.21 3.03
N ALA B 42 -21.68 4.18 3.70
CA ALA B 42 -21.38 5.59 3.47
C ALA B 42 -19.92 5.91 3.73
N VAL B 43 -19.38 5.41 4.84
CA VAL B 43 -17.97 5.66 5.17
C VAL B 43 -17.07 5.17 4.03
N TRP B 44 -17.29 3.92 3.59
CA TRP B 44 -16.54 3.31 2.50
C TRP B 44 -16.55 4.22 1.27
N ALA B 45 -17.73 4.69 0.89
CA ALA B 45 -17.85 5.50 -0.32
C ALA B 45 -17.05 6.79 -0.19
N ILE B 46 -17.16 7.42 0.99
CA ILE B 46 -16.50 8.70 1.29
C ILE B 46 -15.00 8.47 1.30
N TYR B 47 -14.55 7.43 2.00
CA TYR B 47 -13.14 7.06 1.96
C TYR B 47 -12.69 6.88 0.52
N ALA B 48 -13.45 6.12 -0.24
CA ALA B 48 -13.00 5.85 -1.60
C ALA B 48 -12.90 7.14 -2.41
N VAL B 49 -13.82 8.08 -2.20
CA VAL B 49 -13.71 9.36 -2.92
C VAL B 49 -12.41 10.03 -2.51
N CYS B 50 -12.15 10.06 -1.20
CA CYS B 50 -11.02 10.80 -0.67
C CYS B 50 -9.72 10.17 -1.12
N ARG B 51 -9.69 8.83 -1.09
CA ARG B 51 -8.51 8.06 -1.50
C ARG B 51 -8.13 8.29 -2.96
N LYS B 52 -9.12 8.30 -3.85
CA LYS B 52 -8.89 8.49 -5.27
C LYS B 52 -8.39 9.92 -5.49
N ILE B 53 -8.86 10.85 -4.66
CA ILE B 53 -8.46 12.26 -4.74
C ILE B 53 -7.00 12.38 -4.32
N ASP B 54 -6.64 11.70 -3.23
CA ASP B 54 -5.29 11.81 -2.71
C ASP B 54 -4.27 11.16 -3.65
N ASP B 55 -4.63 10.00 -4.20
CA ASP B 55 -3.68 9.22 -4.99
C ASP B 55 -3.62 9.69 -6.44
N SER B 56 -4.63 10.44 -6.86
CA SER B 56 -4.73 10.89 -8.25
C SER B 56 -3.37 11.39 -8.73
N ILE B 57 -2.58 11.92 -7.80
CA ILE B 57 -1.20 12.33 -8.08
C ILE B 57 -0.19 11.54 -7.24
N ASP B 58 -0.28 11.65 -5.92
CA ASP B 58 0.76 11.10 -5.04
C ASP B 58 1.29 9.75 -5.51
N VAL B 59 0.39 8.78 -5.67
CA VAL B 59 0.82 7.50 -6.20
C VAL B 59 0.51 7.32 -7.69
N TYR B 60 -0.77 7.42 -8.07
CA TYR B 60 -1.13 7.18 -9.47
C TYR B 60 -0.52 8.25 -10.39
N GLY B 61 -0.13 9.40 -9.83
CA GLY B 61 0.59 10.45 -10.56
C GLY B 61 -0.05 10.98 -11.83
N ASP B 62 -1.13 11.74 -11.65
CA ASP B 62 -2.13 11.95 -12.69
C ASP B 62 -3.01 13.15 -12.32
N ILE B 63 -2.72 14.31 -12.91
CA ILE B 63 -3.50 15.53 -12.65
C ILE B 63 -4.88 15.58 -13.31
N GLN B 64 -5.00 15.12 -14.55
CA GLN B 64 -6.25 15.30 -15.27
C GLN B 64 -7.36 14.51 -14.61
N PHE B 65 -6.99 13.38 -14.02
CA PHE B 65 -7.90 12.56 -13.24
C PHE B 65 -8.56 13.38 -12.14
N LEU B 66 -7.77 14.18 -11.43
CA LEU B 66 -8.28 14.89 -10.25
C LEU B 66 -9.41 15.82 -10.66
N ASN B 67 -9.20 16.51 -11.78
CA ASN B 67 -10.23 17.37 -12.34
C ASN B 67 -11.51 16.63 -12.75
N GLN B 68 -11.37 15.40 -13.22
CA GLN B 68 -12.53 14.56 -13.55
C GLN B 68 -13.29 14.23 -12.25
N ILE B 69 -12.54 13.86 -11.22
CA ILE B 69 -13.16 13.64 -9.91
C ILE B 69 -13.95 14.87 -9.48
N LYS B 70 -13.31 16.04 -9.50
CA LYS B 70 -13.99 17.27 -9.13
C LYS B 70 -15.26 17.46 -9.94
N GLU B 71 -15.18 17.22 -11.26
CA GLU B 71 -16.34 17.42 -12.12
C GLU B 71 -17.45 16.43 -11.75
N ASP B 72 -17.08 15.19 -11.46
CA ASP B 72 -18.02 14.17 -11.00
C ASP B 72 -18.81 14.56 -9.75
N ILE B 73 -18.11 15.08 -8.74
CA ILE B 73 -18.75 15.58 -7.52
C ILE B 73 -19.67 16.77 -7.82
N GLN B 74 -19.21 17.69 -8.68
CA GLN B 74 -20.02 18.83 -9.12
C GLN B 74 -21.28 18.38 -9.87
N SER B 75 -21.13 17.36 -10.71
CA SER B 75 -22.30 16.73 -11.32
C SER B 75 -23.26 16.21 -10.26
N ILE B 76 -22.73 15.52 -9.25
CA ILE B 76 -23.56 14.98 -8.17
C ILE B 76 -24.23 16.09 -7.35
N GLU B 77 -23.51 17.17 -7.07
CA GLU B 77 -24.07 18.27 -6.29
C GLU B 77 -25.22 18.96 -7.03
N LYS B 78 -25.00 19.29 -8.30
CA LYS B 78 -26.02 19.98 -9.09
C LYS B 78 -27.22 19.09 -9.40
N TYR B 79 -26.96 17.84 -9.77
CA TYR B 79 -27.99 16.93 -10.27
C TYR B 79 -27.87 15.55 -9.61
N PRO B 80 -28.22 15.47 -8.32
CA PRO B 80 -28.18 14.24 -7.53
C PRO B 80 -29.06 13.10 -8.07
N TYR B 81 -30.00 13.43 -8.96
CA TYR B 81 -30.96 12.44 -9.46
C TYR B 81 -30.91 12.16 -10.96
N GLU B 82 -30.12 12.94 -11.72
CA GLU B 82 -29.80 12.55 -13.09
C GLU B 82 -28.86 11.34 -13.07
N TYR B 83 -28.81 10.60 -14.16
CA TYR B 83 -27.83 9.55 -14.35
C TYR B 83 -26.57 10.19 -14.93
N HIS B 84 -25.40 9.89 -14.41
CA HIS B 84 -24.20 10.54 -14.95
C HIS B 84 -23.18 9.59 -15.58
N HIS B 85 -22.60 10.00 -16.70
CA HIS B 85 -21.44 9.31 -17.23
C HIS B 85 -20.21 9.84 -16.51
N PHE B 86 -19.88 9.22 -15.39
CA PHE B 86 -18.76 9.68 -14.59
C PHE B 86 -17.47 9.54 -15.38
N GLN B 87 -16.61 10.56 -15.27
CA GLN B 87 -15.38 10.58 -16.05
C GLN B 87 -14.25 9.92 -15.26
N SER B 88 -14.40 9.83 -13.95
CA SER B 88 -13.30 9.40 -13.11
C SER B 88 -13.36 7.91 -12.83
N ASP B 89 -14.08 7.53 -11.77
CA ASP B 89 -14.25 6.15 -11.35
C ASP B 89 -15.72 5.92 -11.04
N ARG B 90 -16.38 5.22 -11.95
CA ARG B 90 -17.84 5.08 -12.02
C ARG B 90 -18.43 4.47 -10.77
N ARG B 91 -17.74 3.47 -10.22
CA ARG B 91 -18.28 2.75 -9.07
C ARG B 91 -18.31 3.65 -7.83
N ILE B 92 -17.23 4.39 -7.59
CA ILE B 92 -17.14 5.32 -6.47
C ILE B 92 -18.25 6.35 -6.60
N MET B 93 -18.26 7.05 -7.73
CA MET B 93 -19.14 8.19 -7.92
C MET B 93 -20.61 7.79 -7.82
N MET B 94 -20.93 6.61 -8.35
CA MET B 94 -22.25 6.01 -8.17
C MET B 94 -22.58 5.76 -6.69
N ALA B 95 -21.64 5.23 -5.93
CA ALA B 95 -21.90 4.99 -4.53
C ALA B 95 -22.02 6.33 -3.79
N LEU B 96 -21.06 7.24 -4.00
CA LEU B 96 -21.17 8.54 -3.37
C LEU B 96 -22.50 9.13 -3.74
N GLN B 97 -22.91 8.93 -4.98
CA GLN B 97 -24.21 9.42 -5.42
C GLN B 97 -25.36 8.87 -4.58
N HIS B 98 -25.34 7.56 -4.33
CA HIS B 98 -26.32 6.93 -3.44
C HIS B 98 -26.31 7.58 -2.05
N VAL B 99 -25.13 7.73 -1.45
CA VAL B 99 -25.06 8.42 -0.18
C VAL B 99 -25.76 9.80 -0.23
N ALA B 100 -25.42 10.61 -1.23
CA ALA B 100 -25.92 11.98 -1.30
C ALA B 100 -27.44 12.08 -1.44
N GLN B 101 -28.09 11.05 -1.94
CA GLN B 101 -29.54 11.01 -2.00
C GLN B 101 -30.19 10.75 -0.64
N HIS B 102 -29.38 10.40 0.35
CA HIS B 102 -29.88 9.93 1.64
C HIS B 102 -29.40 10.77 2.82
N LYS B 103 -28.32 11.51 2.64
CA LYS B 103 -27.71 12.30 3.70
C LYS B 103 -27.18 13.52 2.98
N ASN B 104 -27.08 14.65 3.66
CA ASN B 104 -26.62 15.81 2.93
C ASN B 104 -25.10 15.94 3.06
N ILE B 105 -24.40 16.02 1.94
CA ILE B 105 -22.95 16.00 1.98
C ILE B 105 -22.40 17.40 1.76
N ALA B 106 -21.38 17.73 2.55
CA ALA B 106 -20.67 18.99 2.46
C ALA B 106 -19.72 18.94 1.26
N PHE B 107 -20.29 19.17 0.08
CA PHE B 107 -19.55 19.11 -1.17
C PHE B 107 -18.35 20.06 -1.13
N GLN B 108 -18.60 21.25 -0.58
CA GLN B 108 -17.58 22.27 -0.41
C GLN B 108 -16.35 21.73 0.33
N SER B 109 -16.58 20.79 1.24
CA SER B 109 -15.48 20.14 1.95
C SER B 109 -14.68 19.26 1.01
N PHE B 110 -15.36 18.53 0.10
CA PHE B 110 -14.62 17.79 -0.91
C PHE B 110 -13.77 18.75 -1.72
N TYR B 111 -14.32 19.91 -2.09
CA TYR B 111 -13.57 20.84 -2.94
C TYR B 111 -12.36 21.45 -2.21
N ASN B 112 -12.45 21.58 -0.89
CA ASN B 112 -11.33 22.07 -0.09
C ASN B 112 -10.22 21.05 -0.09
N LEU B 113 -10.56 19.78 0.06
CA LEU B 113 -9.62 18.69 -0.01
C LEU B 113 -8.93 18.63 -1.39
N ILE B 114 -9.69 18.75 -2.47
CA ILE B 114 -9.11 18.70 -3.82
C ILE B 114 -8.13 19.85 -4.04
N ASP B 115 -8.56 21.07 -3.70
CA ASP B 115 -7.72 22.25 -3.69
C ASP B 115 -6.47 21.98 -2.86
N THR B 116 -6.61 21.33 -1.72
CA THR B 116 -5.44 21.13 -0.88
C THR B 116 -4.50 20.12 -1.54
N VAL B 117 -5.07 19.11 -2.18
CA VAL B 117 -4.25 18.03 -2.70
C VAL B 117 -3.47 18.53 -3.91
N TYR B 118 -4.13 19.28 -4.78
CA TYR B 118 -3.42 20.00 -5.84
C TYR B 118 -2.18 20.72 -5.30
N LYS B 119 -2.38 21.64 -4.36
CA LYS B 119 -1.28 22.44 -3.83
C LYS B 119 -0.14 21.58 -3.27
N ASP B 120 -0.47 20.42 -2.70
CA ASP B 120 0.51 19.61 -1.99
C ASP B 120 1.42 18.90 -2.98
N GLN B 121 1.49 19.50 -4.17
CA GLN B 121 2.33 19.08 -5.26
C GLN B 121 3.47 20.09 -5.40
N HIS B 122 3.16 21.33 -5.77
CA HIS B 122 4.12 22.44 -5.67
C HIS B 122 4.39 22.79 -4.20
N PHE B 123 4.72 21.73 -3.45
CA PHE B 123 4.92 21.78 -2.02
C PHE B 123 5.97 22.78 -1.56
N THR B 124 5.56 23.64 -0.62
CA THR B 124 6.50 24.49 0.09
C THR B 124 6.35 24.25 1.59
N MET B 125 7.48 24.28 2.30
CA MET B 125 7.48 24.05 3.73
C MET B 125 6.69 25.17 4.41
N PHE B 126 6.00 24.82 5.48
CA PHE B 126 5.21 25.78 6.24
C PHE B 126 6.11 26.69 7.04
N GLU B 127 5.83 27.98 6.91
CA GLU B 127 6.60 28.99 7.63
C GLU B 127 6.25 28.90 9.10
N THR B 128 4.98 28.61 9.36
CA THR B 128 4.50 28.67 10.72
C THR B 128 3.58 27.51 11.06
N ASP B 129 3.38 27.26 12.34
CA ASP B 129 2.44 26.20 12.74
C ASP B 129 1.03 26.47 12.22
N ALA B 130 0.67 27.74 12.12
CA ALA B 130 -0.64 28.12 11.65
C ALA B 130 -0.86 27.60 10.24
N GLU B 131 0.17 27.70 9.40
CA GLU B 131 0.07 27.18 8.04
C GLU B 131 0.00 25.66 8.10
N LEU B 132 0.74 25.06 9.03
CA LEU B 132 0.68 23.62 9.20
C LEU B 132 -0.75 23.16 9.59
N PHE B 133 -1.31 23.77 10.64
CA PHE B 133 -2.67 23.44 11.05
C PHE B 133 -3.67 23.75 9.92
N GLY B 134 -3.40 24.82 9.17
CA GLY B 134 -4.14 25.11 7.95
C GLY B 134 -4.14 23.95 6.97
N TYR B 135 -2.97 23.32 6.84
CA TYR B 135 -2.88 22.11 6.03
C TYR B 135 -3.73 20.99 6.63
N CYS B 136 -3.65 20.76 7.94
CA CYS B 136 -4.40 19.69 8.59
C CYS B 136 -5.91 19.87 8.39
N TYR B 137 -6.39 21.11 8.42
CA TYR B 137 -7.78 21.29 8.07
C TYR B 137 -8.05 20.80 6.64
N GLY B 138 -7.26 21.29 5.69
CA GLY B 138 -7.52 21.02 4.28
C GLY B 138 -7.53 19.53 3.98
N VAL B 139 -6.69 18.78 4.67
CA VAL B 139 -6.47 17.40 4.29
C VAL B 139 -7.33 16.45 5.11
N ALA B 140 -7.71 16.85 6.31
CA ALA B 140 -8.31 15.90 7.23
C ALA B 140 -9.54 16.49 7.91
N GLY B 141 -9.47 17.78 8.21
CA GLY B 141 -10.61 18.43 8.82
C GLY B 141 -11.77 18.42 7.86
N THR B 142 -11.51 18.58 6.57
CA THR B 142 -12.56 18.57 5.56
C THR B 142 -13.20 17.18 5.46
N VAL B 143 -12.41 16.13 5.63
CA VAL B 143 -12.98 14.79 5.76
C VAL B 143 -13.87 14.62 6.99
N GLY B 144 -13.44 15.14 8.14
CA GLY B 144 -14.30 15.13 9.32
C GLY B 144 -15.63 15.77 9.00
N GLU B 145 -15.58 16.90 8.32
CA GLU B 145 -16.78 17.62 7.92
C GLU B 145 -17.67 16.78 7.01
N VAL B 146 -17.07 16.11 6.02
CA VAL B 146 -17.87 15.32 5.10
C VAL B 146 -18.49 14.16 5.85
N LEU B 147 -17.81 13.67 6.87
CA LEU B 147 -18.27 12.49 7.59
C LEU B 147 -19.36 12.78 8.62
N THR B 148 -19.51 14.05 8.98
CA THR B 148 -20.41 14.41 10.06
C THR B 148 -21.86 13.91 9.95
N PRO B 149 -22.57 14.14 8.81
CA PRO B 149 -23.95 13.67 8.78
C PRO B 149 -24.04 12.15 8.72
N ILE B 150 -22.95 11.47 8.37
CA ILE B 150 -23.01 10.02 8.37
C ILE B 150 -22.95 9.53 9.81
N LEU B 151 -22.16 10.18 10.66
CA LEU B 151 -21.86 9.66 12.00
C LEU B 151 -22.67 10.34 13.11
N SER B 152 -23.44 11.36 12.74
CA SER B 152 -24.33 11.99 13.69
C SER B 152 -25.70 12.32 13.14
N ASP B 153 -26.69 12.27 14.02
CA ASP B 153 -28.04 12.73 13.71
C ASP B 153 -28.20 14.23 13.91
N HIS B 154 -27.29 14.83 14.68
CA HIS B 154 -27.29 16.26 14.96
C HIS B 154 -26.23 16.99 14.13
N GLU B 155 -26.63 17.57 13.01
CA GLU B 155 -25.65 18.28 12.21
C GLU B 155 -25.69 19.77 12.56
N THR B 156 -25.18 20.07 13.76
CA THR B 156 -25.08 21.43 14.22
C THR B 156 -23.60 21.77 14.19
N HIS B 157 -23.29 23.05 14.38
CA HIS B 157 -21.92 23.54 14.47
C HIS B 157 -21.08 22.81 15.52
N GLN B 158 -21.65 22.43 16.66
CA GLN B 158 -20.84 21.72 17.64
C GLN B 158 -20.36 20.41 17.02
N THR B 159 -21.22 19.77 16.25
CA THR B 159 -20.95 18.45 15.71
C THR B 159 -19.85 18.54 14.66
N TYR B 160 -19.99 19.45 13.70
CA TYR B 160 -18.93 19.68 12.71
C TYR B 160 -17.61 20.10 13.32
N ASP B 161 -17.65 20.98 14.31
CA ASP B 161 -16.46 21.43 15.01
C ASP B 161 -15.65 20.27 15.59
N VAL B 162 -16.31 19.36 16.30
CA VAL B 162 -15.62 18.24 16.92
C VAL B 162 -15.07 17.28 15.85
N ALA B 163 -15.82 17.03 14.78
CA ALA B 163 -15.38 16.13 13.71
C ALA B 163 -14.17 16.71 13.00
N ARG B 164 -14.19 18.03 12.85
CA ARG B 164 -13.12 18.77 12.21
C ARG B 164 -11.87 18.72 13.09
N ARG B 165 -12.03 18.95 14.39
CA ARG B 165 -10.90 18.87 15.32
C ARG B 165 -10.34 17.46 15.39
N LEU B 166 -11.19 16.44 15.36
CA LEU B 166 -10.67 15.08 15.48
C LEU B 166 -9.82 14.75 14.27
N GLY B 167 -10.35 15.05 13.08
CA GLY B 167 -9.63 14.90 11.82
C GLY B 167 -8.27 15.56 11.82
N GLU B 168 -8.23 16.81 12.24
CA GLU B 168 -7.00 17.57 12.37
C GLU B 168 -5.93 16.96 13.31
N SER B 169 -6.36 16.48 14.47
CA SER B 169 -5.42 15.83 15.35
C SER B 169 -4.94 14.49 14.77
N LEU B 170 -5.82 13.72 14.16
CA LEU B 170 -5.37 12.51 13.47
C LEU B 170 -4.33 12.82 12.39
N GLN B 171 -4.47 13.95 11.70
CA GLN B 171 -3.51 14.28 10.65
C GLN B 171 -2.17 14.60 11.28
N LEU B 172 -2.21 15.36 12.36
CA LEU B 172 -1.01 15.67 13.12
C LEU B 172 -0.26 14.40 13.57
N ILE B 173 -0.99 13.40 14.05
CA ILE B 173 -0.39 12.13 14.47
C ILE B 173 0.17 11.37 13.26
N ASN B 174 -0.57 11.39 12.16
CA ASN B 174 -0.07 10.93 10.85
C ASN B 174 1.26 11.60 10.51
N ILE B 175 1.36 12.91 10.70
CA ILE B 175 2.62 13.60 10.46
C ILE B 175 3.68 13.10 11.45
N LEU B 176 3.27 12.77 12.68
CA LEU B 176 4.20 12.29 13.70
C LEU B 176 4.73 10.88 13.46
N ARG B 177 3.95 10.06 12.78
CA ARG B 177 4.37 8.72 12.34
C ARG B 177 5.25 8.76 11.09
N ASP B 178 4.99 9.68 10.17
CA ASP B 178 5.59 9.61 8.83
C ASP B 178 6.85 10.45 8.61
N VAL B 179 7.44 10.98 9.67
CA VAL B 179 8.52 11.95 9.51
C VAL B 179 9.58 11.45 8.54
N GLY B 180 10.08 10.24 8.79
CA GLY B 180 11.04 9.59 7.92
C GLY B 180 10.61 9.45 6.47
N GLU B 181 9.47 8.80 6.25
CA GLU B 181 8.99 8.52 4.90
C GLU B 181 8.77 9.81 4.15
N ASP B 182 8.26 10.80 4.88
CA ASP B 182 7.92 12.07 4.26
C ASP B 182 9.21 12.71 3.74
N PHE B 183 10.29 12.61 4.53
CA PHE B 183 11.52 13.25 4.15
C PHE B 183 12.06 12.53 2.93
N GLU B 184 11.93 11.20 2.91
CA GLU B 184 12.40 10.40 1.79
C GLU B 184 11.76 10.87 0.50
N ASN B 185 10.55 11.39 0.65
CA ASN B 185 9.73 11.85 -0.47
C ASN B 185 9.72 13.37 -0.53
N GLU B 186 10.79 13.97 0.00
CA GLU B 186 11.07 15.41 -0.04
C GLU B 186 10.11 16.31 0.72
N ARG B 187 9.36 15.76 1.67
CA ARG B 187 8.43 16.54 2.49
C ARG B 187 8.86 16.58 3.96
N ILE B 188 8.74 17.75 4.55
CA ILE B 188 8.87 17.95 5.99
C ILE B 188 7.61 18.70 6.40
N TYR B 189 6.89 18.21 7.40
CA TYR B 189 5.62 18.82 7.75
C TYR B 189 5.70 19.75 8.95
N PHE B 190 6.71 19.54 9.79
CA PHE B 190 7.06 20.48 10.86
C PHE B 190 7.33 21.86 10.24
N SER B 191 6.99 22.93 10.96
CA SER B 191 7.12 24.26 10.39
C SER B 191 8.53 24.84 10.54
N LYS B 192 8.93 25.69 9.61
CA LYS B 192 10.23 26.38 9.63
C LYS B 192 10.52 27.02 10.98
N GLN B 193 9.53 27.77 11.49
CA GLN B 193 9.63 28.42 12.80
C GLN B 193 9.97 27.48 13.95
N ARG B 194 9.29 26.33 14.01
CA ARG B 194 9.39 25.40 15.13
C ARG B 194 10.68 24.59 15.04
N LEU B 195 11.09 24.33 13.79
CA LEU B 195 12.37 23.71 13.47
C LEU B 195 13.51 24.60 13.93
N LYS B 196 13.51 25.86 13.51
CA LYS B 196 14.52 26.84 13.93
C LYS B 196 14.60 26.98 15.45
N GLN B 197 13.43 27.10 16.10
CA GLN B 197 13.34 27.28 17.55
C GLN B 197 13.96 26.11 18.32
N TYR B 198 13.78 24.91 17.81
CA TYR B 198 14.18 23.68 18.51
C TYR B 198 15.56 23.16 18.08
N GLU B 199 16.22 23.89 17.19
CA GLU B 199 17.53 23.51 16.65
C GLU B 199 17.54 22.13 15.97
N VAL B 200 16.55 21.95 15.09
CA VAL B 200 16.35 20.69 14.39
C VAL B 200 16.49 20.85 12.88
N ASP B 201 17.26 19.94 12.28
CA ASP B 201 17.33 19.82 10.82
C ASP B 201 17.02 18.37 10.45
N ILE B 202 15.83 18.15 9.89
CA ILE B 202 15.34 16.81 9.59
C ILE B 202 16.34 15.98 8.79
N ALA B 203 16.97 16.59 7.78
CA ALA B 203 17.97 15.91 6.95
C ALA B 203 19.13 15.35 7.77
N GLU B 204 19.52 16.07 8.82
CA GLU B 204 20.60 15.67 9.73
C GLU B 204 20.22 14.49 10.61
N VAL B 205 19.03 14.54 11.19
CA VAL B 205 18.51 13.46 12.02
C VAL B 205 18.26 12.19 11.19
N TYR B 206 17.84 12.38 9.94
CA TYR B 206 17.63 11.24 9.07
C TYR B 206 18.98 10.57 8.85
N GLN B 207 20.04 11.33 8.64
CA GLN B 207 21.37 10.74 8.43
C GLN B 207 22.05 10.20 9.69
N ASN B 208 21.87 10.88 10.81
CA ASN B 208 22.65 10.60 12.03
C ASN B 208 21.94 9.91 13.20
N GLY B 209 20.61 9.99 13.21
CA GLY B 209 19.78 9.43 14.29
C GLY B 209 19.03 10.49 15.09
N VAL B 210 18.11 10.05 15.94
CA VAL B 210 17.47 10.90 16.95
C VAL B 210 18.50 11.59 17.85
N ASN B 211 18.29 12.87 18.13
CA ASN B 211 18.92 13.52 19.27
C ASN B 211 17.82 14.15 20.13
N ASN B 212 18.18 14.72 21.26
CA ASN B 212 17.19 15.25 22.21
C ASN B 212 16.47 16.49 21.70
N HIS B 213 17.09 17.22 20.77
CA HIS B 213 16.41 18.33 20.11
C HIS B 213 15.20 17.81 19.33
N TYR B 214 15.41 16.74 18.58
CA TYR B 214 14.34 16.16 17.79
C TYR B 214 13.24 15.64 18.68
N ILE B 215 13.61 14.90 19.73
CA ILE B 215 12.62 14.36 20.65
C ILE B 215 11.79 15.49 21.24
N ASP B 216 12.43 16.56 21.67
CA ASP B 216 11.70 17.71 22.19
C ASP B 216 10.69 18.22 21.18
N LEU B 217 11.13 18.43 19.94
CA LEU B 217 10.25 19.01 18.94
C LEU B 217 9.07 18.09 18.66
N TRP B 218 9.38 16.80 18.60
CA TRP B 218 8.39 15.79 18.27
C TRP B 218 7.39 15.74 19.41
N GLU B 219 7.89 15.76 20.65
CA GLU B 219 7.00 15.76 21.80
C GLU B 219 6.15 17.02 21.93
N TYR B 220 6.69 18.17 21.52
CA TYR B 220 5.92 19.40 21.47
C TYR B 220 4.67 19.25 20.59
N TYR B 221 4.83 18.68 19.40
CA TYR B 221 3.66 18.41 18.57
C TYR B 221 2.76 17.30 19.11
N ALA B 222 3.33 16.26 19.73
CA ALA B 222 2.51 15.16 20.21
C ALA B 222 1.55 15.62 21.31
N ALA B 223 2.00 16.58 22.12
CA ALA B 223 1.22 17.17 23.21
C ALA B 223 0.03 17.91 22.63
N ILE B 224 0.24 18.65 21.55
CA ILE B 224 -0.87 19.34 20.91
C ILE B 224 -1.88 18.30 20.46
N ALA B 225 -1.42 17.22 19.84
CA ALA B 225 -2.33 16.21 19.31
C ALA B 225 -3.04 15.44 20.42
N GLU B 226 -2.31 15.14 21.49
CA GLU B 226 -2.92 14.51 22.66
C GLU B 226 -3.97 15.39 23.34
N LYS B 227 -3.70 16.68 23.51
CA LYS B 227 -4.64 17.57 24.14
C LYS B 227 -5.90 17.72 23.29
N ASP B 228 -5.74 17.83 21.98
CA ASP B 228 -6.91 17.90 21.11
C ASP B 228 -7.69 16.60 21.10
N PHE B 229 -7.01 15.45 21.21
CA PHE B 229 -7.72 14.17 21.28
C PHE B 229 -8.61 14.15 22.55
N ARG B 230 -8.05 14.62 23.66
CA ARG B 230 -8.76 14.61 24.94
C ARG B 230 -10.02 15.48 24.91
N ASP B 231 -9.93 16.64 24.26
CA ASP B 231 -11.02 17.60 24.24
C ASP B 231 -12.12 17.09 23.32
N VAL B 232 -11.72 16.44 22.22
CA VAL B 232 -12.66 15.73 21.36
C VAL B 232 -13.37 14.68 22.18
N MET B 233 -12.62 13.85 22.92
CA MET B 233 -13.24 12.77 23.69
C MET B 233 -14.33 13.26 24.65
N ASP B 234 -14.07 14.37 25.32
CA ASP B 234 -15.05 14.99 26.21
C ASP B 234 -16.35 15.34 25.50
N GLN B 235 -16.26 15.60 24.20
CA GLN B 235 -17.41 15.98 23.39
C GLN B 235 -17.92 14.84 22.49
N ILE B 236 -17.52 13.62 22.83
CA ILE B 236 -17.84 12.44 22.01
C ILE B 236 -19.33 12.21 21.83
N LYS B 237 -20.13 12.61 22.81
CA LYS B 237 -21.58 12.37 22.84
C LYS B 237 -22.31 13.12 21.73
N VAL B 238 -21.56 13.93 21.00
CA VAL B 238 -22.11 14.68 19.87
C VAL B 238 -22.42 13.73 18.70
N PHE B 239 -21.73 12.60 18.66
CA PHE B 239 -22.00 11.59 17.64
C PHE B 239 -23.08 10.60 18.08
N SER B 240 -23.74 9.98 17.10
CA SER B 240 -24.76 8.99 17.39
C SER B 240 -24.17 7.86 18.21
N ILE B 241 -25.05 7.19 18.94
CA ILE B 241 -24.60 6.27 19.98
C ILE B 241 -23.91 5.07 19.36
N GLU B 242 -24.37 4.59 18.21
CA GLU B 242 -23.71 3.49 17.50
C GLU B 242 -22.32 3.86 16.99
N ALA B 243 -22.10 5.13 16.63
CA ALA B 243 -20.78 5.54 16.14
C ALA B 243 -19.75 5.91 17.21
N GLN B 244 -20.21 6.28 18.41
CA GLN B 244 -19.30 6.67 19.47
C GLN B 244 -18.17 5.67 19.75
N PRO B 245 -18.48 4.36 19.89
CA PRO B 245 -17.35 3.47 20.22
C PRO B 245 -16.32 3.36 19.11
N ILE B 246 -16.81 3.41 17.87
CA ILE B 246 -16.00 3.19 16.67
C ILE B 246 -15.12 4.41 16.50
N ILE B 247 -15.70 5.59 16.76
CA ILE B 247 -14.97 6.84 16.63
C ILE B 247 -13.85 6.84 17.67
N GLU B 248 -14.21 6.49 18.90
CA GLU B 248 -13.23 6.39 19.97
C GLU B 248 -12.15 5.36 19.62
N LEU B 249 -12.54 4.24 19.03
CA LEU B 249 -11.57 3.24 18.61
C LEU B 249 -10.56 3.82 17.63
N ALA B 250 -11.06 4.43 16.56
CA ALA B 250 -10.21 4.98 15.51
C ALA B 250 -9.24 6.00 16.08
N ALA B 251 -9.74 6.83 16.99
CA ALA B 251 -8.94 7.83 17.70
C ALA B 251 -7.89 7.17 18.60
N ARG B 252 -8.29 6.16 19.35
CA ARG B 252 -7.33 5.49 20.25
C ARG B 252 -6.26 4.70 19.51
N ILE B 253 -6.63 4.09 18.38
CA ILE B 253 -5.63 3.43 17.55
C ILE B 253 -4.55 4.43 17.12
N TYR B 254 -4.99 5.63 16.73
CA TYR B 254 -4.03 6.64 16.39
C TYR B 254 -3.22 7.17 17.58
N ILE B 255 -3.80 7.23 18.77
CA ILE B 255 -3.04 7.53 20.00
C ILE B 255 -2.00 6.45 20.31
N GLU B 256 -2.34 5.23 19.92
CA GLU B 256 -1.42 4.12 20.11
C GLU B 256 -0.26 4.30 19.15
N ILE B 257 -0.53 4.88 17.98
CA ILE B 257 0.54 5.13 17.03
C ILE B 257 1.68 5.90 17.68
N LEU B 258 1.35 6.89 18.52
CA LEU B 258 2.34 7.72 19.21
C LEU B 258 3.24 6.89 20.11
N ASP B 259 2.65 5.92 20.79
CA ASP B 259 3.41 5.10 21.72
C ASP B 259 4.32 4.17 20.94
N GLU B 260 3.81 3.66 19.82
CA GLU B 260 4.67 2.88 18.92
C GLU B 260 5.86 3.72 18.44
N VAL B 261 5.69 5.02 18.19
CA VAL B 261 6.85 5.81 17.77
C VAL B 261 7.84 5.89 18.92
N ARG B 262 7.33 6.23 20.10
CA ARG B 262 8.13 6.29 21.31
C ARG B 262 8.90 4.99 21.55
N GLN B 263 8.18 3.87 21.53
CA GLN B 263 8.78 2.55 21.76
C GLN B 263 9.91 2.28 20.79
N ALA B 264 9.76 2.76 19.55
CA ALA B 264 10.76 2.61 18.51
C ALA B 264 11.82 3.71 18.55
N ASN B 265 11.86 4.44 19.67
CA ASN B 265 12.78 5.56 19.83
C ASN B 265 12.76 6.51 18.63
N TYR B 266 11.56 6.71 18.08
CA TYR B 266 11.31 7.75 17.07
C TYR B 266 12.01 7.54 15.73
N THR B 267 12.25 6.31 15.30
CA THR B 267 12.94 6.08 14.04
C THR B 267 12.36 6.92 12.92
N LEU B 268 13.24 7.33 12.03
CA LEU B 268 12.83 7.92 10.78
C LEU B 268 12.98 6.86 9.68
N HIS B 269 13.21 5.62 10.08
CA HIS B 269 13.53 4.57 9.12
C HIS B 269 12.58 3.38 9.16
N GLU B 270 11.54 3.46 9.99
CA GLU B 270 10.48 2.46 9.99
C GLU B 270 9.14 3.19 9.87
N ARG B 271 8.12 2.50 9.37
CA ARG B 271 6.74 2.90 9.53
C ARG B 271 6.14 2.01 10.60
N VAL B 272 5.89 2.54 11.79
CA VAL B 272 5.35 1.72 12.88
C VAL B 272 3.86 1.51 12.65
N PHE B 273 3.25 0.59 13.38
CA PHE B 273 1.83 0.33 13.20
C PHE B 273 1.21 -0.41 14.37
N VAL B 274 -0.12 -0.44 14.36
CA VAL B 274 -0.90 -1.10 15.38
C VAL B 274 -1.41 -2.43 14.82
N GLU B 275 -0.95 -3.52 15.43
CA GLU B 275 -1.36 -4.87 15.08
C GLU B 275 -2.86 -5.03 15.25
N LYS B 276 -3.47 -5.87 14.42
CA LYS B 276 -4.91 -6.14 14.47
C LYS B 276 -5.33 -6.65 15.84
N ARG B 277 -4.54 -7.53 16.46
CA ARG B 277 -4.83 -8.04 17.79
C ARG B 277 -4.91 -6.94 18.86
N LYS B 278 -4.11 -5.88 18.70
CA LYS B 278 -4.09 -4.77 19.65
C LYS B 278 -5.37 -3.93 19.54
N LYS B 279 -5.81 -3.70 18.31
CA LYS B 279 -7.04 -2.98 18.04
C LYS B 279 -8.21 -3.62 18.77
N ALA B 280 -8.32 -4.95 18.64
CA ALA B 280 -9.35 -5.72 19.34
C ALA B 280 -9.32 -5.53 20.86
N LYS B 281 -8.11 -5.48 21.43
CA LYS B 281 -7.96 -5.22 22.87
C LYS B 281 -8.50 -3.84 23.19
N LEU B 282 -7.99 -2.84 22.47
CA LEU B 282 -8.49 -1.48 22.60
C LEU B 282 -10.01 -1.42 22.60
N PHE B 283 -10.62 -2.08 21.61
CA PHE B 283 -12.06 -2.03 21.40
C PHE B 283 -12.80 -2.71 22.55
N HIS B 284 -12.27 -3.81 23.04
CA HIS B 284 -12.82 -4.46 24.23
C HIS B 284 -12.77 -3.48 25.39
N GLU B 285 -11.68 -2.72 25.50
CA GLU B 285 -11.55 -1.74 26.57
C GLU B 285 -12.58 -0.62 26.47
N ILE B 286 -12.83 -0.17 25.24
CA ILE B 286 -13.79 0.90 24.97
C ILE B 286 -15.21 0.44 25.24
N ASN B 287 -15.59 -0.73 24.73
CA ASN B 287 -16.96 -1.23 24.86
C ASN B 287 -17.43 -1.55 26.28
N SER B 288 -16.50 -1.68 27.21
CA SER B 288 -16.87 -1.93 28.60
C SER B 288 -17.41 -0.67 29.27
N LYS B 289 -17.06 0.51 28.76
CA LYS B 289 -17.72 1.73 29.20
C LYS B 289 -19.16 1.73 28.68
N TYR B 290 -19.31 1.52 27.37
CA TYR B 290 -20.60 1.45 26.70
C TYR B 290 -21.32 0.12 26.95
#